data_9E30
#
_entry.id   9E30
#
_cell.length_a   61.840
_cell.length_b   61.840
_cell.length_c   89.160
_cell.angle_alpha   90.00
_cell.angle_beta   90.00
_cell.angle_gamma   120.00
#
_symmetry.space_group_name_H-M   'P 31'
#
loop_
_entity.id
_entity.type
_entity.pdbx_description
1 polymer 'Isoform Short of Probable global transcription activator SNF2L2'
2 non-polymer "(12'S)-4'-chloro-10'-(piperidin-4-yl)-5'H-spiro[cyclohexane-1,7'-indolo[1,2-a]quinazolin]-5'-one"
3 non-polymer 'ZINC ION'
4 non-polymer 'ACETATE ION'
5 water water
#
_entity_poly.entity_id   1
_entity_poly.type   'polypeptide(L)'
_entity_poly.pdbx_seq_one_letter_code
;SMAEKLSPNPPKLTKQMNAIIDTVINYKDSSGRQLSEVFIQLPSRKELPEYYELIRKPVDFKKIKERIRNHKYRSLGDLE
KDVMLLCHNAQTFNLEGSQIYEDSIVLQSVFKSARQKIAKEEE
;
_entity_poly.pdbx_strand_id   A,B,C
#
loop_
_chem_comp.id
_chem_comp.type
_chem_comp.name
_chem_comp.formula
A1A1O non-polymer (12'S)-4'-chloro-10'-(piperidin-4-yl)-5'H-spiro[cyclohexane-1,7'-indolo[1,2-a]quinazolin]-5'-one 'C25 H26 Cl N3 O'
ACT non-polymer 'ACETATE ION' 'C2 H3 O2 -1'
ZN non-polymer 'ZINC ION' 'Zn 2'
#
# COMPACT_ATOMS: atom_id res chain seq x y z
N GLU A 4 1.70 -35.67 21.04
CA GLU A 4 1.11 -35.34 19.71
C GLU A 4 2.17 -34.80 18.76
N LYS A 5 3.45 -34.66 19.16
CA LYS A 5 4.40 -33.91 18.34
C LYS A 5 4.39 -34.42 16.90
N LEU A 6 4.63 -35.71 16.67
CA LEU A 6 4.32 -36.26 15.34
C LEU A 6 2.87 -36.71 15.34
N SER A 7 2.06 -36.02 14.53
CA SER A 7 0.71 -36.48 14.26
C SER A 7 0.20 -35.80 13.00
N PRO A 8 -0.84 -36.34 12.34
CA PRO A 8 -1.41 -35.73 11.13
C PRO A 8 -2.06 -34.38 11.40
N ASN A 9 -2.10 -33.55 10.35
CA ASN A 9 -2.76 -32.26 10.39
C ASN A 9 -4.27 -32.42 10.28
N PRO A 10 -5.10 -32.00 11.27
CA PRO A 10 -6.55 -32.05 11.12
C PRO A 10 -7.05 -31.29 9.90
N PRO A 11 -8.10 -31.78 9.18
CA PRO A 11 -8.64 -31.02 8.04
C PRO A 11 -8.95 -29.56 8.38
N LYS A 12 -9.39 -29.29 9.62
CA LYS A 12 -9.69 -27.93 10.05
C LYS A 12 -8.43 -27.06 9.97
N LEU A 13 -7.26 -27.63 10.39
CA LEU A 13 -6.01 -26.89 10.37
C LEU A 13 -5.61 -26.61 8.92
N THR A 14 -5.71 -27.62 8.03
CA THR A 14 -5.31 -27.43 6.64
C THR A 14 -6.20 -26.35 6.00
N LYS A 15 -7.49 -26.34 6.34
CA LYS A 15 -8.42 -25.34 5.84
C LYS A 15 -8.02 -23.95 6.32
N GLN A 16 -7.61 -23.82 7.58
CA GLN A 16 -7.12 -22.57 8.14
C GLN A 16 -5.85 -22.13 7.40
N MET A 17 -4.93 -23.05 7.13
CA MET A 17 -3.71 -22.70 6.41
C MET A 17 -4.03 -22.14 5.02
N ASN A 18 -4.91 -22.83 4.30
CA ASN A 18 -5.28 -22.36 2.96
C ASN A 18 -6.01 -21.01 3.00
N ALA A 19 -6.87 -20.79 4.02
CA ALA A 19 -7.59 -19.52 4.14
C ALA A 19 -6.62 -18.37 4.43
N ILE A 20 -5.60 -18.61 5.29
CA ILE A 20 -4.62 -17.59 5.61
C ILE A 20 -3.83 -17.24 4.34
N ILE A 21 -3.31 -18.25 3.63
CA ILE A 21 -2.50 -17.97 2.45
C ILE A 21 -3.33 -17.37 1.33
N ASP A 22 -4.59 -17.78 1.17
CA ASP A 22 -5.47 -17.16 0.17
C ASP A 22 -5.72 -15.68 0.49
N THR A 23 -5.86 -15.33 1.77
CA THR A 23 -6.04 -13.95 2.18
C THR A 23 -4.82 -13.14 1.74
N VAL A 24 -3.61 -13.68 1.98
CA VAL A 24 -2.35 -13.03 1.60
C VAL A 24 -2.27 -12.88 0.07
N ILE A 25 -2.55 -13.96 -0.69
CA ILE A 25 -2.41 -13.93 -2.15
C ILE A 25 -3.42 -12.97 -2.78
N ASN A 26 -4.64 -12.90 -2.23
CA ASN A 26 -5.72 -12.10 -2.81
C ASN A 26 -5.68 -10.61 -2.37
N TYR A 27 -4.79 -10.25 -1.46
CA TYR A 27 -4.78 -8.90 -0.90
C TYR A 27 -4.49 -7.86 -1.98
N LYS A 28 -5.30 -6.78 -2.00
CA LYS A 28 -5.14 -5.70 -2.95
C LYS A 28 -5.04 -4.34 -2.23
N ASP A 29 -4.29 -3.41 -2.82
CA ASP A 29 -4.29 -2.02 -2.37
C ASP A 29 -5.59 -1.35 -2.83
N SER A 30 -5.76 -0.05 -2.53
CA SER A 30 -7.05 0.59 -2.79
C SER A 30 -7.28 0.78 -4.30
N SER A 31 -6.19 0.67 -5.10
CA SER A 31 -6.26 0.78 -6.56
C SER A 31 -6.70 -0.55 -7.19
N GLY A 32 -6.70 -1.62 -6.41
CA GLY A 32 -7.05 -2.93 -6.90
C GLY A 32 -5.84 -3.71 -7.42
N ARG A 33 -4.59 -3.30 -7.09
CA ARG A 33 -3.41 -4.09 -7.45
C ARG A 33 -3.17 -5.21 -6.41
N GLN A 34 -2.97 -6.44 -6.92
CA GLN A 34 -2.71 -7.61 -6.12
C GLN A 34 -1.19 -7.68 -5.85
N LEU A 35 -0.80 -7.45 -4.59
CA LEU A 35 0.60 -7.31 -4.20
C LEU A 35 1.39 -8.61 -4.39
N SER A 36 0.74 -9.77 -4.28
CA SER A 36 1.42 -11.06 -4.35
C SER A 36 1.92 -11.42 -5.75
N GLU A 37 1.48 -10.73 -6.82
CA GLU A 37 1.61 -11.25 -8.18
C GLU A 37 3.04 -11.70 -8.52
N VAL A 38 4.05 -10.86 -8.28
CA VAL A 38 5.42 -11.21 -8.65
C VAL A 38 5.99 -12.35 -7.80
N PHE A 39 5.45 -12.58 -6.60
CA PHE A 39 5.94 -13.58 -5.65
C PHE A 39 5.34 -14.98 -5.84
N ILE A 40 4.40 -15.15 -6.79
CA ILE A 40 3.77 -16.44 -7.02
C ILE A 40 4.79 -17.47 -7.50
N GLN A 41 5.67 -17.07 -8.43
CA GLN A 41 6.61 -17.95 -9.10
C GLN A 41 8.03 -17.35 -9.12
N LEU A 42 9.02 -18.14 -8.67
CA LEU A 42 10.43 -17.80 -8.73
C LEU A 42 10.90 -17.65 -10.18
N PRO A 43 11.89 -16.79 -10.44
CA PRO A 43 12.48 -16.72 -11.79
C PRO A 43 13.31 -17.97 -12.05
N SER A 44 13.49 -18.33 -13.33
CA SER A 44 14.44 -19.39 -13.66
C SER A 44 15.89 -18.96 -13.37
N ARG A 45 16.74 -20.00 -13.20
CA ARG A 45 18.16 -19.76 -12.96
C ARG A 45 18.80 -19.18 -14.23
N LYS A 46 18.25 -19.46 -15.40
CA LYS A 46 18.80 -18.83 -16.61
C LYS A 46 18.47 -17.35 -16.73
N GLU A 47 17.24 -16.97 -16.35
CA GLU A 47 16.79 -15.58 -16.48
C GLU A 47 17.34 -14.68 -15.38
N LEU A 48 17.64 -15.21 -14.19
CA LEU A 48 18.13 -14.36 -13.10
C LEU A 48 19.13 -15.14 -12.27
N PRO A 49 20.30 -15.50 -12.83
CA PRO A 49 21.29 -16.30 -12.12
C PRO A 49 21.74 -15.74 -10.76
N GLU A 50 21.80 -14.42 -10.68
CA GLU A 50 22.31 -13.78 -9.47
C GLU A 50 21.35 -13.97 -8.30
N TYR A 51 20.05 -14.24 -8.53
CA TYR A 51 19.12 -14.58 -7.43
C TYR A 51 19.62 -15.78 -6.62
N TYR A 52 20.09 -16.81 -7.34
CA TYR A 52 20.48 -18.06 -6.75
C TYR A 52 21.89 -18.01 -6.17
N GLU A 53 22.69 -17.01 -6.56
CA GLU A 53 23.98 -16.78 -5.92
C GLU A 53 23.78 -16.11 -4.54
N LEU A 54 22.72 -15.33 -4.35
CA LEU A 54 22.56 -14.52 -3.15
C LEU A 54 21.56 -15.11 -2.16
N ILE A 55 20.55 -15.85 -2.65
CA ILE A 55 19.49 -16.38 -1.81
C ILE A 55 19.72 -17.86 -1.54
N ARG A 56 19.99 -18.20 -0.25
CA ARG A 56 20.32 -19.55 0.17
C ARG A 56 19.15 -20.55 0.07
N LYS A 57 17.93 -20.08 0.38
CA LYS A 57 16.74 -20.90 0.50
C LYS A 57 15.57 -20.27 -0.24
N PRO A 58 15.60 -20.33 -1.59
CA PRO A 58 14.51 -19.74 -2.41
C PRO A 58 13.14 -20.36 -2.14
N VAL A 59 12.08 -19.53 -2.15
CA VAL A 59 10.70 -19.99 -1.97
C VAL A 59 9.74 -19.01 -2.68
N ASP A 60 8.62 -19.54 -3.16
CA ASP A 60 7.54 -18.75 -3.75
C ASP A 60 6.18 -19.19 -3.20
N PHE A 61 5.09 -18.46 -3.53
CA PHE A 61 3.79 -18.80 -2.98
C PHE A 61 3.27 -20.12 -3.57
N LYS A 62 3.64 -20.45 -4.81
CA LYS A 62 3.29 -21.75 -5.36
C LYS A 62 3.81 -22.91 -4.49
N LYS A 63 5.07 -22.81 -4.07
CA LYS A 63 5.69 -23.81 -3.22
C LYS A 63 5.04 -23.88 -1.84
N ILE A 64 4.67 -22.72 -1.28
CA ILE A 64 3.98 -22.71 0.02
C ILE A 64 2.61 -23.42 -0.10
N LYS A 65 1.85 -23.16 -1.18
CA LYS A 65 0.59 -23.86 -1.38
C LYS A 65 0.80 -25.37 -1.50
N GLU A 66 1.87 -25.80 -2.19
CA GLU A 66 2.23 -27.19 -2.34
C GLU A 66 2.59 -27.83 -0.99
N ARG A 67 3.29 -27.10 -0.13
CA ARG A 67 3.68 -27.59 1.18
C ARG A 67 2.49 -27.72 2.12
N ILE A 68 1.47 -26.85 2.02
CA ILE A 68 0.22 -27.03 2.78
C ILE A 68 -0.44 -28.34 2.31
N ARG A 69 -0.53 -28.52 0.98
CA ARG A 69 -1.18 -29.69 0.42
C ARG A 69 -0.46 -30.99 0.77
N ASN A 70 0.87 -31.01 0.85
CA ASN A 70 1.66 -32.19 1.17
C ASN A 70 1.97 -32.30 2.67
N HIS A 71 1.30 -31.48 3.50
CA HIS A 71 1.39 -31.63 4.95
C HIS A 71 2.82 -31.47 5.49
N LYS A 72 3.60 -30.57 4.86
CA LYS A 72 4.98 -30.32 5.23
C LYS A 72 5.12 -29.35 6.39
N TYR A 73 4.07 -28.55 6.67
CA TYR A 73 3.98 -27.67 7.83
C TYR A 73 3.32 -28.46 8.97
N ARG A 74 4.04 -28.59 10.09
CA ARG A 74 3.56 -29.31 11.27
C ARG A 74 2.61 -28.42 12.06
N SER A 75 2.62 -27.09 11.82
CA SER A 75 1.92 -26.11 12.66
C SER A 75 1.71 -24.82 11.90
N LEU A 76 0.85 -23.93 12.43
CA LEU A 76 0.71 -22.60 11.85
C LEU A 76 2.01 -21.80 12.03
N GLY A 77 2.82 -22.11 13.05
CA GLY A 77 4.15 -21.52 13.20
C GLY A 77 5.13 -21.88 12.07
N ASP A 78 5.10 -23.14 11.62
CA ASP A 78 5.94 -23.56 10.50
C ASP A 78 5.54 -22.89 9.18
N LEU A 79 4.22 -22.70 8.98
CA LEU A 79 3.72 -21.95 7.81
C LEU A 79 4.23 -20.50 7.89
N GLU A 80 4.05 -19.89 9.06
CA GLU A 80 4.53 -18.54 9.30
C GLU A 80 6.01 -18.40 8.93
N LYS A 81 6.85 -19.35 9.33
CA LYS A 81 8.28 -19.27 9.08
C LYS A 81 8.57 -19.22 7.58
N ASP A 82 7.85 -20.01 6.77
CA ASP A 82 8.12 -20.01 5.33
C ASP A 82 7.64 -18.71 4.67
N VAL A 83 6.52 -18.14 5.12
CA VAL A 83 6.05 -16.87 4.58
C VAL A 83 7.03 -15.76 4.96
N MET A 84 7.54 -15.76 6.20
CA MET A 84 8.52 -14.78 6.64
C MET A 84 9.83 -14.96 5.86
N LEU A 85 10.21 -16.20 5.50
CA LEU A 85 11.40 -16.47 4.66
C LEU A 85 11.21 -15.85 3.27
N LEU A 86 10.08 -16.11 2.62
CA LEU A 86 9.77 -15.50 1.32
C LEU A 86 9.97 -13.98 1.37
N CYS A 87 9.34 -13.33 2.37
CA CYS A 87 9.43 -11.88 2.51
C CYS A 87 10.87 -11.42 2.81
N HIS A 88 11.60 -12.17 3.66
CA HIS A 88 13.00 -11.93 3.95
C HIS A 88 13.87 -12.00 2.69
N ASN A 89 13.64 -13.01 1.84
CA ASN A 89 14.39 -13.15 0.58
C ASN A 89 14.11 -11.95 -0.32
N ALA A 90 12.86 -11.49 -0.42
CA ALA A 90 12.52 -10.36 -1.26
C ALA A 90 13.26 -9.11 -0.78
N GLN A 91 13.31 -8.92 0.55
CA GLN A 91 14.02 -7.77 1.14
C GLN A 91 15.54 -7.90 1.02
N THR A 92 16.08 -9.12 1.00
CA THR A 92 17.50 -9.40 0.78
C THR A 92 17.90 -8.99 -0.65
N PHE A 93 17.14 -9.46 -1.65
CA PHE A 93 17.55 -9.32 -3.05
C PHE A 93 17.22 -7.95 -3.64
N ASN A 94 16.04 -7.39 -3.33
CA ASN A 94 15.49 -6.21 -3.99
C ASN A 94 15.92 -4.96 -3.24
N LEU A 95 15.99 -3.85 -3.98
CA LEU A 95 16.46 -2.58 -3.41
C LEU A 95 15.50 -2.11 -2.33
N GLU A 96 16.04 -1.61 -1.20
CA GLU A 96 15.26 -0.86 -0.24
C GLU A 96 14.46 0.21 -0.97
N GLY A 97 13.18 0.36 -0.63
CA GLY A 97 12.35 1.39 -1.23
C GLY A 97 11.70 1.01 -2.56
N SER A 98 12.12 -0.11 -3.16
CA SER A 98 11.51 -0.61 -4.40
C SER A 98 10.11 -1.11 -4.08
N GLN A 99 9.25 -1.13 -5.13
CA GLN A 99 7.87 -1.57 -4.96
C GLN A 99 7.84 -2.99 -4.39
N ILE A 100 8.70 -3.86 -4.93
CA ILE A 100 8.72 -5.26 -4.53
C ILE A 100 9.11 -5.37 -3.04
N TYR A 101 10.13 -4.60 -2.64
CA TYR A 101 10.63 -4.62 -1.28
C TYR A 101 9.52 -4.18 -0.33
N GLU A 102 8.84 -3.06 -0.64
CA GLU A 102 7.78 -2.51 0.19
C GLU A 102 6.58 -3.46 0.27
N ASP A 103 6.19 -3.99 -0.88
CA ASP A 103 5.09 -4.94 -0.96
C ASP A 103 5.34 -6.13 -0.02
N SER A 104 6.57 -6.66 0.04
CA SER A 104 6.88 -7.82 0.88
C SER A 104 6.68 -7.50 2.37
N ILE A 105 6.96 -6.24 2.77
CA ILE A 105 6.75 -5.83 4.16
C ILE A 105 5.27 -5.81 4.49
N VAL A 106 4.42 -5.28 3.58
CA VAL A 106 2.98 -5.25 3.80
C VAL A 106 2.43 -6.68 3.92
N LEU A 107 2.90 -7.59 3.06
CA LEU A 107 2.43 -8.99 3.08
C LEU A 107 2.78 -9.68 4.41
N GLN A 108 3.88 -9.35 5.08
CA GLN A 108 4.16 -9.90 6.41
C GLN A 108 3.02 -9.55 7.37
N SER A 109 2.59 -8.28 7.34
CA SER A 109 1.54 -7.79 8.22
C SER A 109 0.19 -8.43 7.89
N VAL A 110 -0.09 -8.58 6.58
CA VAL A 110 -1.32 -9.21 6.14
C VAL A 110 -1.39 -10.67 6.64
N PHE A 111 -0.24 -11.41 6.56
CA PHE A 111 -0.19 -12.76 7.08
C PHE A 111 -0.52 -12.79 8.56
N LYS A 112 0.14 -11.93 9.34
CA LYS A 112 -0.02 -11.99 10.79
C LYS A 112 -1.44 -11.60 11.19
N SER A 113 -2.07 -10.66 10.47
CA SER A 113 -3.43 -10.24 10.77
C SER A 113 -4.42 -11.35 10.48
N ALA A 114 -4.23 -12.02 9.35
CA ALA A 114 -5.09 -13.14 8.96
C ALA A 114 -4.94 -14.27 9.97
N ARG A 115 -3.71 -14.62 10.39
CA ARG A 115 -3.55 -15.69 11.37
C ARG A 115 -4.30 -15.37 12.69
N GLN A 116 -4.18 -14.13 13.17
CA GLN A 116 -4.80 -13.74 14.43
C GLN A 116 -6.32 -13.70 14.36
N LYS A 117 -6.86 -13.38 13.18
CA LYS A 117 -8.31 -13.24 12.99
C LYS A 117 -8.99 -14.60 12.80
N ILE A 118 -8.35 -15.49 12.03
CA ILE A 118 -8.91 -16.77 11.61
C ILE A 118 -8.74 -17.79 12.71
N ALA A 119 -7.57 -17.80 13.36
CA ALA A 119 -7.31 -18.73 14.43
C ALA A 119 -7.92 -18.26 15.76
N LYS A 120 -8.27 -16.97 15.86
CA LYS A 120 -8.89 -16.46 17.08
C LYS A 120 -10.31 -16.00 16.75
N GLU A 121 -11.12 -16.99 16.30
CA GLU A 121 -12.46 -16.81 15.73
C GLU A 121 -12.65 -17.87 14.63
N LYS B 12 -18.72 -2.94 -3.65
CA LYS B 12 -17.71 -1.97 -4.14
C LYS B 12 -17.32 -1.02 -3.00
N LEU B 13 -18.31 -0.45 -2.30
CA LEU B 13 -18.03 0.46 -1.20
C LEU B 13 -17.38 -0.30 -0.05
N THR B 14 -17.88 -1.50 0.31
CA THR B 14 -17.31 -2.25 1.42
C THR B 14 -15.85 -2.60 1.08
N LYS B 15 -15.60 -2.94 -0.19
CA LYS B 15 -14.26 -3.30 -0.65
C LYS B 15 -13.31 -2.10 -0.53
N GLN B 16 -13.80 -0.92 -0.93
CA GLN B 16 -13.05 0.32 -0.84
C GLN B 16 -12.72 0.60 0.62
N MET B 17 -13.73 0.46 1.51
CA MET B 17 -13.52 0.84 2.90
C MET B 17 -12.52 -0.12 3.55
N ASN B 18 -12.60 -1.42 3.24
CA ASN B 18 -11.65 -2.35 3.85
C ASN B 18 -10.24 -2.16 3.33
N ALA B 19 -10.10 -1.83 2.04
CA ALA B 19 -8.79 -1.56 1.46
C ALA B 19 -8.15 -0.32 2.11
N ILE B 20 -8.96 0.74 2.32
CA ILE B 20 -8.46 1.97 2.92
C ILE B 20 -8.03 1.70 4.35
N ILE B 21 -8.91 1.09 5.16
CA ILE B 21 -8.58 0.91 6.59
C ILE B 21 -7.41 -0.08 6.76
N ASP B 22 -7.36 -1.11 5.91
CA ASP B 22 -6.22 -2.04 5.99
C ASP B 22 -4.89 -1.37 5.67
N THR B 23 -4.90 -0.46 4.67
CA THR B 23 -3.71 0.28 4.32
C THR B 23 -3.25 1.12 5.52
N VAL B 24 -4.20 1.80 6.19
CA VAL B 24 -3.90 2.60 7.37
C VAL B 24 -3.33 1.74 8.52
N ILE B 25 -3.98 0.63 8.84
CA ILE B 25 -3.55 -0.19 9.98
C ILE B 25 -2.19 -0.86 9.69
N ASN B 26 -1.95 -1.26 8.43
CA ASN B 26 -0.70 -2.00 8.12
C ASN B 26 0.52 -1.10 7.90
N TYR B 27 0.30 0.20 7.74
CA TYR B 27 1.35 1.15 7.45
C TYR B 27 2.49 1.10 8.48
N LYS B 28 3.73 1.01 7.93
CA LYS B 28 4.95 1.16 8.71
C LYS B 28 5.78 2.31 8.13
N ASP B 29 6.44 3.02 9.02
CA ASP B 29 7.30 4.13 8.64
C ASP B 29 8.63 3.52 8.17
N SER B 30 9.59 4.38 7.85
CA SER B 30 10.83 3.86 7.27
C SER B 30 11.70 3.16 8.32
N SER B 31 11.39 3.31 9.61
CA SER B 31 12.04 2.59 10.71
C SER B 31 11.44 1.21 10.94
N GLY B 32 10.35 0.90 10.24
CA GLY B 32 9.66 -0.38 10.39
C GLY B 32 8.62 -0.39 11.52
N ARG B 33 8.29 0.78 12.08
CA ARG B 33 7.31 0.86 13.16
C ARG B 33 5.89 0.99 12.60
N GLN B 34 4.98 0.18 13.12
CA GLN B 34 3.59 0.20 12.68
C GLN B 34 2.84 1.25 13.49
N LEU B 35 2.50 2.38 12.86
CA LEU B 35 2.01 3.56 13.60
C LEU B 35 0.64 3.31 14.24
N SER B 36 -0.19 2.44 13.67
CA SER B 36 -1.52 2.16 14.20
C SER B 36 -1.52 1.45 15.54
N GLU B 37 -0.41 0.86 16.02
CA GLU B 37 -0.48 -0.14 17.10
C GLU B 37 -1.20 0.40 18.35
N VAL B 38 -0.81 1.58 18.84
CA VAL B 38 -1.39 2.11 20.06
C VAL B 38 -2.88 2.46 19.89
N PHE B 39 -3.35 2.72 18.65
CA PHE B 39 -4.69 3.22 18.38
C PHE B 39 -5.72 2.13 18.13
N ILE B 40 -5.29 0.86 18.09
CA ILE B 40 -6.20 -0.25 17.83
C ILE B 40 -7.28 -0.32 18.93
N GLN B 41 -6.85 -0.21 20.20
CA GLN B 41 -7.71 -0.32 21.36
C GLN B 41 -7.50 0.86 22.32
N LEU B 42 -8.63 1.43 22.77
CA LEU B 42 -8.65 2.43 23.81
C LEU B 42 -8.08 1.89 25.13
N PRO B 43 -7.47 2.74 25.97
CA PRO B 43 -7.17 2.37 27.37
C PRO B 43 -8.46 2.13 28.15
N SER B 44 -8.40 1.28 29.19
CA SER B 44 -9.62 0.99 29.93
C SER B 44 -9.98 2.18 30.78
N ARG B 45 -11.27 2.31 31.10
CA ARG B 45 -11.78 3.40 31.91
C ARG B 45 -11.21 3.27 33.34
N LYS B 46 -10.94 2.04 33.78
CA LYS B 46 -10.42 1.84 35.14
C LYS B 46 -8.95 2.23 35.25
N GLU B 47 -8.16 2.01 34.17
CA GLU B 47 -6.75 2.32 34.13
C GLU B 47 -6.48 3.81 33.89
N LEU B 48 -7.31 4.49 33.04
CA LEU B 48 -7.00 5.86 32.63
C LEU B 48 -8.29 6.69 32.62
N PRO B 49 -8.92 6.92 33.80
CA PRO B 49 -10.16 7.69 33.84
C PRO B 49 -10.03 9.12 33.34
N GLU B 50 -8.83 9.70 33.41
CA GLU B 50 -8.59 11.04 32.90
C GLU B 50 -8.85 11.14 31.38
N TYR B 51 -8.65 10.05 30.62
CA TYR B 51 -8.94 10.05 29.18
C TYR B 51 -10.42 10.35 28.93
N TYR B 52 -11.28 9.67 29.72
CA TYR B 52 -12.72 9.74 29.52
C TYR B 52 -13.31 11.00 30.15
N GLU B 53 -12.58 11.65 31.06
CA GLU B 53 -12.98 12.97 31.55
C GLU B 53 -12.78 14.02 30.46
N LEU B 54 -11.74 13.89 29.61
CA LEU B 54 -11.45 14.91 28.61
C LEU B 54 -12.07 14.63 27.24
N ILE B 55 -12.10 13.35 26.83
CA ILE B 55 -12.51 13.00 25.47
C ILE B 55 -13.98 12.59 25.48
N ARG B 56 -14.84 13.43 24.88
CA ARG B 56 -16.29 13.28 24.93
C ARG B 56 -16.78 12.14 24.03
N LYS B 57 -16.08 11.86 22.89
CA LYS B 57 -16.50 10.80 21.99
C LYS B 57 -15.32 9.87 21.67
N PRO B 58 -14.90 9.03 22.64
CA PRO B 58 -13.79 8.09 22.43
C PRO B 58 -14.07 7.09 21.30
N VAL B 59 -13.04 6.77 20.49
CA VAL B 59 -13.14 5.81 19.40
C VAL B 59 -11.74 5.22 19.15
N ASP B 60 -11.70 3.95 18.70
CA ASP B 60 -10.47 3.24 18.33
C ASP B 60 -10.67 2.55 16.98
N PHE B 61 -9.59 1.97 16.41
CA PHE B 61 -9.68 1.32 15.12
C PHE B 61 -10.51 0.02 15.24
N LYS B 62 -10.55 -0.63 16.42
CA LYS B 62 -11.46 -1.77 16.61
C LYS B 62 -12.92 -1.36 16.34
N LYS B 63 -13.36 -0.22 16.87
CA LYS B 63 -14.73 0.27 16.70
C LYS B 63 -15.01 0.64 15.24
N ILE B 64 -14.02 1.25 14.58
CA ILE B 64 -14.18 1.60 13.16
C ILE B 64 -14.34 0.33 12.31
N LYS B 65 -13.53 -0.69 12.58
CA LYS B 65 -13.65 -1.99 11.91
C LYS B 65 -15.03 -2.60 12.15
N GLU B 66 -15.58 -2.46 13.39
CA GLU B 66 -16.92 -2.96 13.71
C GLU B 66 -17.98 -2.26 12.86
N ARG B 67 -17.83 -0.94 12.67
CA ARG B 67 -18.81 -0.18 11.91
C ARG B 67 -18.73 -0.50 10.40
N ILE B 68 -17.52 -0.76 9.88
CA ILE B 68 -17.37 -1.21 8.50
C ILE B 68 -18.04 -2.58 8.34
N ARG B 69 -17.72 -3.48 9.27
CA ARG B 69 -18.17 -4.88 9.21
C ARG B 69 -19.69 -4.91 9.19
N ASN B 70 -20.33 -4.10 10.06
CA ASN B 70 -21.78 -4.10 10.23
C ASN B 70 -22.51 -3.08 9.33
N HIS B 71 -21.80 -2.56 8.31
CA HIS B 71 -22.40 -1.78 7.22
C HIS B 71 -22.99 -0.46 7.71
N LYS B 72 -22.38 0.16 8.74
CA LYS B 72 -22.92 1.36 9.34
C LYS B 72 -22.50 2.64 8.60
N TYR B 73 -21.41 2.61 7.82
CA TYR B 73 -20.97 3.76 7.02
C TYR B 73 -21.65 3.73 5.64
N ARG B 74 -22.40 4.77 5.29
CA ARG B 74 -23.15 4.73 4.03
C ARG B 74 -22.37 5.42 2.90
N SER B 75 -21.16 5.93 3.20
CA SER B 75 -20.31 6.60 2.21
C SER B 75 -18.88 6.63 2.73
N LEU B 76 -17.93 6.85 1.81
CA LEU B 76 -16.54 7.07 2.20
C LEU B 76 -16.40 8.30 3.10
N GLY B 77 -17.28 9.31 2.94
CA GLY B 77 -17.27 10.47 3.81
C GLY B 77 -17.58 10.14 5.28
N ASP B 78 -18.54 9.21 5.50
CA ASP B 78 -18.92 8.80 6.85
C ASP B 78 -17.75 8.06 7.54
N LEU B 79 -17.05 7.18 6.78
CA LEU B 79 -15.85 6.52 7.30
C LEU B 79 -14.79 7.56 7.68
N GLU B 80 -14.54 8.46 6.71
CA GLU B 80 -13.55 9.50 6.94
C GLU B 80 -13.82 10.27 8.23
N LYS B 81 -15.08 10.63 8.51
CA LYS B 81 -15.40 11.40 9.71
C LYS B 81 -14.93 10.69 10.99
N ASP B 82 -15.13 9.37 11.05
CA ASP B 82 -14.73 8.62 12.26
C ASP B 82 -13.20 8.49 12.38
N VAL B 83 -12.50 8.33 11.24
CA VAL B 83 -11.05 8.23 11.31
C VAL B 83 -10.46 9.57 11.74
N MET B 84 -11.02 10.67 11.21
CA MET B 84 -10.57 12.01 11.59
C MET B 84 -10.90 12.31 13.06
N LEU B 85 -12.02 11.76 13.60
CA LEU B 85 -12.35 11.90 15.03
C LEU B 85 -11.29 11.19 15.89
N LEU B 86 -10.95 9.93 15.55
CA LEU B 86 -9.90 9.21 16.26
C LEU B 86 -8.62 10.04 16.35
N CYS B 87 -8.15 10.54 15.19
CA CYS B 87 -6.91 11.30 15.12
C CYS B 87 -7.03 12.61 15.92
N HIS B 88 -8.19 13.29 15.86
CA HIS B 88 -8.47 14.48 16.63
C HIS B 88 -8.43 14.22 18.15
N ASN B 89 -9.00 13.10 18.59
CA ASN B 89 -8.92 12.71 19.99
C ASN B 89 -7.46 12.50 20.45
N ALA B 90 -6.63 11.82 19.62
CA ALA B 90 -5.23 11.62 19.97
C ALA B 90 -4.53 12.98 20.15
N GLN B 91 -4.82 13.92 19.21
CA GLN B 91 -4.24 15.26 19.24
C GLN B 91 -4.77 16.10 20.42
N THR B 92 -5.99 15.83 20.88
CA THR B 92 -6.58 16.53 22.02
C THR B 92 -5.91 16.08 23.34
N PHE B 93 -5.80 14.77 23.55
CA PHE B 93 -5.32 14.23 24.83
C PHE B 93 -3.80 14.32 24.98
N ASN B 94 -3.05 14.03 23.89
CA ASN B 94 -1.59 13.91 23.93
C ASN B 94 -0.93 15.25 23.55
N LEU B 95 0.28 15.49 24.11
CA LEU B 95 0.96 16.76 23.93
C LEU B 95 1.29 17.00 22.45
N GLU B 96 1.17 18.26 22.02
CA GLU B 96 1.65 18.66 20.70
C GLU B 96 3.11 18.23 20.57
N GLY B 97 3.50 17.66 19.42
CA GLY B 97 4.88 17.22 19.21
C GLY B 97 5.27 15.87 19.81
N SER B 98 4.38 15.25 20.58
CA SER B 98 4.61 13.90 21.12
C SER B 98 4.52 12.89 19.99
N GLN B 99 5.15 11.72 20.21
CA GLN B 99 5.12 10.67 19.22
C GLN B 99 3.66 10.30 18.88
N ILE B 100 2.79 10.16 19.89
CA ILE B 100 1.42 9.76 19.60
C ILE B 100 0.67 10.84 18.79
N TYR B 101 0.92 12.11 19.17
CA TYR B 101 0.27 13.23 18.47
C TYR B 101 0.69 13.23 16.99
N GLU B 102 2.00 13.10 16.73
CA GLU B 102 2.54 13.19 15.38
C GLU B 102 2.16 11.96 14.56
N ASP B 103 2.20 10.78 15.20
CA ASP B 103 1.72 9.57 14.57
C ASP B 103 0.29 9.71 14.00
N SER B 104 -0.62 10.32 14.79
CA SER B 104 -2.01 10.47 14.37
C SER B 104 -2.11 11.35 13.11
N ILE B 105 -1.25 12.36 12.98
CA ILE B 105 -1.24 13.22 11.80
C ILE B 105 -0.80 12.44 10.55
N VAL B 106 0.24 11.59 10.70
CA VAL B 106 0.69 10.75 9.58
C VAL B 106 -0.45 9.81 9.14
N LEU B 107 -1.17 9.20 10.08
CA LEU B 107 -2.26 8.30 9.73
C LEU B 107 -3.40 9.00 8.99
N GLN B 108 -3.68 10.29 9.31
CA GLN B 108 -4.67 11.06 8.54
C GLN B 108 -4.23 11.11 7.07
N SER B 109 -2.94 11.36 6.84
CA SER B 109 -2.39 11.48 5.50
C SER B 109 -2.41 10.13 4.76
N VAL B 110 -2.11 9.04 5.46
CA VAL B 110 -2.16 7.69 4.89
C VAL B 110 -3.59 7.36 4.44
N PHE B 111 -4.59 7.75 5.25
CA PHE B 111 -5.98 7.55 4.89
C PHE B 111 -6.28 8.27 3.57
N LYS B 112 -5.92 9.54 3.48
CA LYS B 112 -6.28 10.34 2.31
C LYS B 112 -5.53 9.85 1.06
N SER B 113 -4.28 9.39 1.21
CA SER B 113 -3.48 8.80 0.12
C SER B 113 -4.17 7.56 -0.46
N ALA B 114 -4.66 6.70 0.46
CA ALA B 114 -5.34 5.49 0.03
C ALA B 114 -6.66 5.85 -0.68
N ARG B 115 -7.43 6.80 -0.11
CA ARG B 115 -8.73 7.17 -0.68
C ARG B 115 -8.56 7.72 -2.11
N GLN B 116 -7.51 8.51 -2.37
CA GLN B 116 -7.36 9.10 -3.69
C GLN B 116 -6.99 8.07 -4.77
N LYS B 117 -6.50 6.88 -4.39
CA LYS B 117 -6.02 5.87 -5.33
C LYS B 117 -7.19 5.02 -5.81
N ILE B 118 -8.35 5.10 -5.13
CA ILE B 118 -9.59 4.80 -5.82
C ILE B 118 -9.79 5.88 -6.91
N ASN C 9 -0.67 -11.84 -20.02
CA ASN C 9 0.60 -11.52 -20.71
C ASN C 9 0.46 -10.21 -21.47
N PRO C 10 0.57 -9.04 -20.78
CA PRO C 10 0.81 -7.76 -21.47
C PRO C 10 2.05 -7.83 -22.35
N PRO C 11 2.10 -7.15 -23.52
CA PRO C 11 3.32 -7.10 -24.32
C PRO C 11 4.54 -6.64 -23.50
N LYS C 12 5.75 -6.84 -24.04
CA LYS C 12 6.97 -6.33 -23.42
C LYS C 12 6.92 -4.81 -23.25
N LEU C 13 6.35 -4.10 -24.24
CA LEU C 13 6.25 -2.65 -24.17
C LEU C 13 5.33 -2.23 -23.00
N THR C 14 4.19 -2.90 -22.81
CA THR C 14 3.28 -2.57 -21.72
C THR C 14 4.00 -2.74 -20.39
N LYS C 15 4.77 -3.82 -20.27
CA LYS C 15 5.47 -4.12 -19.03
C LYS C 15 6.53 -3.05 -18.75
N GLN C 16 7.26 -2.62 -19.81
CA GLN C 16 8.26 -1.58 -19.70
C GLN C 16 7.58 -0.27 -19.26
N MET C 17 6.44 0.05 -19.87
CA MET C 17 5.80 1.32 -19.56
C MET C 17 5.27 1.31 -18.11
N ASN C 18 4.71 0.20 -17.66
CA ASN C 18 4.25 0.12 -16.28
C ASN C 18 5.43 0.19 -15.30
N ALA C 19 6.58 -0.42 -15.63
CA ALA C 19 7.75 -0.37 -14.76
C ALA C 19 8.27 1.08 -14.66
N ILE C 20 8.29 1.82 -15.78
CA ILE C 20 8.75 3.20 -15.79
C ILE C 20 7.81 4.07 -14.94
N ILE C 21 6.50 3.99 -15.18
CA ILE C 21 5.59 4.86 -14.43
C ILE C 21 5.53 4.47 -12.95
N ASP C 22 5.63 3.16 -12.63
CA ASP C 22 5.69 2.76 -11.23
C ASP C 22 6.92 3.31 -10.52
N THR C 23 8.06 3.36 -11.20
CA THR C 23 9.28 3.93 -10.65
C THR C 23 9.02 5.41 -10.30
N VAL C 24 8.37 6.15 -11.23
CA VAL C 24 8.05 7.56 -11.03
C VAL C 24 7.10 7.74 -9.84
N ILE C 25 6.02 6.96 -9.77
CA ILE C 25 5.02 7.08 -8.73
C ILE C 25 5.61 6.73 -7.35
N ASN C 26 6.49 5.72 -7.30
CA ASN C 26 7.03 5.26 -6.00
C ASN C 26 8.22 6.06 -5.49
N TYR C 27 8.77 6.95 -6.32
CA TYR C 27 9.94 7.73 -5.97
C TYR C 27 9.71 8.53 -4.68
N LYS C 28 10.72 8.43 -3.79
CA LYS C 28 10.81 9.25 -2.59
C LYS C 28 12.13 10.00 -2.57
N ASP C 29 12.08 11.23 -2.08
CA ASP C 29 13.28 12.04 -1.89
C ASP C 29 14.02 11.54 -0.64
N SER C 30 15.09 12.25 -0.25
CA SER C 30 15.93 11.75 0.83
C SER C 30 15.25 11.97 2.18
N SER C 31 14.19 12.80 2.23
CA SER C 31 13.38 12.98 3.44
C SER C 31 12.33 11.88 3.61
N GLY C 32 12.17 11.04 2.59
CA GLY C 32 11.21 9.96 2.62
C GLY C 32 9.83 10.35 2.04
N ARG C 33 9.69 11.57 1.51
CA ARG C 33 8.43 12.02 0.91
C ARG C 33 8.24 11.48 -0.52
N GLN C 34 7.03 10.95 -0.78
CA GLN C 34 6.66 10.46 -2.09
C GLN C 34 6.12 11.62 -2.95
N LEU C 35 6.90 12.04 -3.95
CA LEU C 35 6.61 13.29 -4.66
C LEU C 35 5.35 13.20 -5.52
N SER C 36 4.97 12.01 -5.99
CA SER C 36 3.82 11.84 -6.90
C SER C 36 2.46 12.09 -6.26
N GLU C 37 2.38 12.17 -4.92
CA GLU C 37 1.13 12.08 -4.20
C GLU C 37 0.06 13.07 -4.72
N VAL C 38 0.40 14.35 -4.88
CA VAL C 38 -0.61 15.33 -5.28
C VAL C 38 -1.10 15.10 -6.71
N PHE C 39 -0.28 14.44 -7.55
CA PHE C 39 -0.47 14.32 -8.99
C PHE C 39 -1.29 13.09 -9.40
N ILE C 40 -1.70 12.25 -8.43
CA ILE C 40 -2.39 11.01 -8.74
C ILE C 40 -3.76 11.29 -9.41
N GLN C 41 -4.54 12.21 -8.84
CA GLN C 41 -5.94 12.41 -9.20
C GLN C 41 -6.26 13.91 -9.24
N LEU C 42 -6.69 14.43 -10.40
CA LEU C 42 -7.17 15.80 -10.50
C LEU C 42 -8.43 15.98 -9.68
N PRO C 43 -8.67 17.19 -9.15
CA PRO C 43 -10.03 17.57 -8.73
C PRO C 43 -11.00 17.53 -9.92
N SER C 44 -12.29 17.28 -9.65
CA SER C 44 -13.27 17.20 -10.73
C SER C 44 -13.51 18.60 -11.32
N ARG C 45 -14.06 18.62 -12.53
CA ARG C 45 -14.45 19.85 -13.22
C ARG C 45 -15.49 20.62 -12.38
N LYS C 46 -16.36 19.94 -11.63
CA LYS C 46 -17.37 20.65 -10.82
C LYS C 46 -16.80 21.18 -9.50
N GLU C 47 -15.74 20.55 -8.96
CA GLU C 47 -15.07 21.01 -7.74
C GLU C 47 -14.14 22.21 -8.01
N LEU C 48 -13.42 22.19 -9.15
CA LEU C 48 -12.40 23.20 -9.44
C LEU C 48 -12.46 23.56 -10.91
N PRO C 49 -13.57 24.19 -11.37
CA PRO C 49 -13.69 24.57 -12.77
C PRO C 49 -12.59 25.51 -13.24
N GLU C 50 -11.99 26.29 -12.32
CA GLU C 50 -10.92 27.23 -12.64
C GLU C 50 -9.70 26.50 -13.24
N TYR C 51 -9.43 25.25 -12.79
CA TYR C 51 -8.33 24.46 -13.35
C TYR C 51 -8.56 24.17 -14.84
N TYR C 52 -9.79 23.79 -15.20
CA TYR C 52 -10.13 23.37 -16.54
C TYR C 52 -10.32 24.58 -17.47
N GLU C 53 -10.55 25.77 -16.89
CA GLU C 53 -10.60 27.00 -17.66
C GLU C 53 -9.20 27.39 -18.13
N LEU C 54 -8.17 27.11 -17.30
CA LEU C 54 -6.81 27.48 -17.64
C LEU C 54 -6.04 26.39 -18.38
N ILE C 55 -6.26 25.12 -18.03
CA ILE C 55 -5.49 24.01 -18.56
C ILE C 55 -6.28 23.33 -19.69
N ARG C 56 -5.76 23.42 -20.93
CA ARG C 56 -6.47 22.94 -22.11
C ARG C 56 -6.55 21.41 -22.20
N LYS C 57 -5.51 20.70 -21.73
CA LYS C 57 -5.43 19.25 -21.86
C LYS C 57 -5.04 18.63 -20.51
N PRO C 58 -5.99 18.55 -19.58
CA PRO C 58 -5.72 18.02 -18.23
C PRO C 58 -5.35 16.54 -18.24
N VAL C 59 -4.39 16.13 -17.38
CA VAL C 59 -3.98 14.75 -17.21
C VAL C 59 -3.50 14.53 -15.77
N ASP C 60 -3.70 13.31 -15.24
CA ASP C 60 -3.16 12.90 -13.94
C ASP C 60 -2.47 11.51 -14.08
N PHE C 61 -1.81 11.01 -13.02
CA PHE C 61 -1.13 9.72 -13.14
C PHE C 61 -2.13 8.57 -13.29
N LYS C 62 -3.33 8.71 -12.72
CA LYS C 62 -4.38 7.68 -12.95
C LYS C 62 -4.71 7.56 -14.44
N LYS C 63 -4.82 8.68 -15.16
CA LYS C 63 -5.09 8.68 -16.58
C LYS C 63 -3.93 8.08 -17.39
N ILE C 64 -2.69 8.38 -16.99
CA ILE C 64 -1.52 7.79 -17.66
C ILE C 64 -1.57 6.25 -17.50
N LYS C 65 -1.86 5.77 -16.29
CA LYS C 65 -1.97 4.35 -16.03
C LYS C 65 -3.09 3.71 -16.87
N GLU C 66 -4.21 4.43 -17.06
CA GLU C 66 -5.33 3.96 -17.89
C GLU C 66 -4.89 3.83 -19.36
N ARG C 67 -4.12 4.81 -19.84
CA ARG C 67 -3.64 4.80 -21.21
C ARG C 67 -2.62 3.67 -21.46
N ILE C 68 -1.76 3.36 -20.48
CA ILE C 68 -0.85 2.22 -20.61
C ILE C 68 -1.70 0.94 -20.64
N ARG C 69 -2.63 0.83 -19.68
CA ARG C 69 -3.45 -0.37 -19.50
C ARG C 69 -4.21 -0.69 -20.79
N ASN C 70 -4.81 0.33 -21.44
CA ASN C 70 -5.63 0.18 -22.62
C ASN C 70 -4.84 0.34 -23.94
N HIS C 71 -3.52 0.27 -23.85
CA HIS C 71 -2.66 0.15 -25.04
C HIS C 71 -2.75 1.36 -25.97
N LYS C 72 -2.80 2.57 -25.40
CA LYS C 72 -3.02 3.81 -26.14
C LYS C 72 -1.70 4.47 -26.55
N TYR C 73 -0.58 4.15 -25.91
CA TYR C 73 0.72 4.70 -26.29
C TYR C 73 1.43 3.76 -27.30
N ARG C 74 1.72 4.28 -28.49
CA ARG C 74 2.31 3.43 -29.54
C ARG C 74 3.82 3.24 -29.33
N SER C 75 4.45 4.10 -28.52
CA SER C 75 5.88 4.14 -28.32
C SER C 75 6.18 4.76 -26.96
N LEU C 76 7.43 4.56 -26.50
CA LEU C 76 7.90 5.22 -25.29
C LEU C 76 7.88 6.75 -25.44
N GLY C 77 8.04 7.26 -26.68
CA GLY C 77 7.94 8.70 -26.92
C GLY C 77 6.55 9.26 -26.63
N ASP C 78 5.50 8.50 -26.97
CA ASP C 78 4.13 8.90 -26.70
C ASP C 78 3.86 8.96 -25.19
N LEU C 79 4.37 7.98 -24.44
CA LEU C 79 4.26 7.99 -22.96
C LEU C 79 4.98 9.22 -22.40
N GLU C 80 6.21 9.44 -22.89
CA GLU C 80 6.97 10.59 -22.43
C GLU C 80 6.19 11.90 -22.66
N LYS C 81 5.53 12.05 -23.81
CA LYS C 81 4.79 13.27 -24.11
C LYS C 81 3.72 13.54 -23.05
N ASP C 82 2.99 12.50 -22.63
CA ASP C 82 1.94 12.71 -21.62
C ASP C 82 2.51 13.00 -20.22
N VAL C 83 3.66 12.43 -19.86
CA VAL C 83 4.27 12.75 -18.57
C VAL C 83 4.76 14.19 -18.56
N MET C 84 5.35 14.64 -19.68
CA MET C 84 5.84 16.00 -19.78
C MET C 84 4.65 16.98 -19.78
N LEU C 85 3.50 16.57 -20.36
CA LEU C 85 2.27 17.38 -20.32
C LEU C 85 1.77 17.54 -18.88
N LEU C 86 1.69 16.45 -18.11
CA LEU C 86 1.31 16.50 -16.70
C LEU C 86 2.15 17.54 -15.96
N CYS C 87 3.49 17.41 -16.08
CA CYS C 87 4.41 18.31 -15.37
C CYS C 87 4.24 19.74 -15.85
N HIS C 88 4.03 19.97 -17.17
CA HIS C 88 3.78 21.28 -17.75
C HIS C 88 2.51 21.93 -17.16
N ASN C 89 1.44 21.13 -17.07
CA ASN C 89 0.19 21.60 -16.48
C ASN C 89 0.36 22.01 -15.02
N ALA C 90 1.10 21.22 -14.22
CA ALA C 90 1.36 21.54 -12.82
C ALA C 90 2.08 22.89 -12.72
N GLN C 91 3.08 23.09 -13.61
CA GLN C 91 3.88 24.31 -13.63
C GLN C 91 3.05 25.49 -14.14
N THR C 92 2.03 25.24 -14.98
CA THR C 92 1.17 26.29 -15.49
C THR C 92 0.22 26.81 -14.41
N PHE C 93 -0.48 25.89 -13.72
CA PHE C 93 -1.52 26.28 -12.77
C PHE C 93 -0.97 26.76 -11.42
N ASN C 94 0.12 26.13 -10.94
CA ASN C 94 0.66 26.34 -9.61
C ASN C 94 1.80 27.38 -9.64
N LEU C 95 1.96 28.11 -8.54
CA LEU C 95 2.94 29.21 -8.48
C LEU C 95 4.37 28.69 -8.69
N GLU C 96 5.16 29.47 -9.46
CA GLU C 96 6.59 29.22 -9.54
C GLU C 96 7.16 29.20 -8.12
N GLY C 97 8.04 28.23 -7.86
CA GLY C 97 8.70 28.15 -6.54
C GLY C 97 7.89 27.40 -5.47
N SER C 98 6.62 27.07 -5.78
CA SER C 98 5.80 26.27 -4.87
C SER C 98 6.33 24.83 -4.85
N GLN C 99 6.01 24.12 -3.75
CA GLN C 99 6.47 22.74 -3.61
C GLN C 99 5.95 21.91 -4.78
N ILE C 100 4.67 22.10 -5.18
CA ILE C 100 4.08 21.34 -6.27
C ILE C 100 4.83 21.60 -7.58
N TYR C 101 5.14 22.89 -7.84
CA TYR C 101 5.84 23.29 -9.06
C TYR C 101 7.21 22.60 -9.13
N GLU C 102 7.97 22.67 -8.03
CA GLU C 102 9.33 22.14 -7.95
C GLU C 102 9.32 20.60 -7.99
N ASP C 103 8.36 19.98 -7.29
CA ASP C 103 8.20 18.54 -7.34
C ASP C 103 8.02 18.05 -8.79
N SER C 104 7.22 18.75 -9.60
CA SER C 104 6.95 18.34 -10.97
C SER C 104 8.23 18.37 -11.80
N ILE C 105 9.12 19.32 -11.54
CA ILE C 105 10.42 19.34 -12.24
C ILE C 105 11.27 18.11 -11.90
N VAL C 106 11.33 17.70 -10.62
CA VAL C 106 12.07 16.52 -10.23
C VAL C 106 11.51 15.26 -10.91
N LEU C 107 10.17 15.15 -10.97
CA LEU C 107 9.54 13.98 -11.58
C LEU C 107 9.82 13.90 -13.08
N GLN C 108 10.04 15.03 -13.79
CA GLN C 108 10.45 14.95 -15.20
C GLN C 108 11.77 14.15 -15.31
N SER C 109 12.71 14.49 -14.42
CA SER C 109 14.03 13.89 -14.42
C SER C 109 13.98 12.41 -14.00
N VAL C 110 13.16 12.10 -13.01
CA VAL C 110 12.95 10.73 -12.56
C VAL C 110 12.41 9.87 -13.72
N PHE C 111 11.47 10.42 -14.49
CA PHE C 111 10.93 9.73 -15.65
C PHE C 111 12.04 9.41 -16.65
N LYS C 112 12.86 10.38 -16.98
CA LYS C 112 13.87 10.16 -18.03
C LYS C 112 14.92 9.12 -17.59
N SER C 113 15.27 9.12 -16.29
CA SER C 113 16.23 8.15 -15.76
C SER C 113 15.66 6.73 -15.78
N ALA C 114 14.39 6.63 -15.39
CA ALA C 114 13.70 5.35 -15.38
C ALA C 114 13.58 4.79 -16.79
N ARG C 115 13.23 5.64 -17.77
CA ARG C 115 13.11 5.20 -19.16
C ARG C 115 14.46 4.64 -19.66
N GLN C 116 15.58 5.31 -19.35
CA GLN C 116 16.87 4.82 -19.83
C GLN C 116 17.23 3.49 -19.20
N LYS C 117 16.95 3.34 -17.89
CA LYS C 117 17.31 2.14 -17.14
C LYS C 117 16.52 0.90 -17.57
N ILE C 118 15.21 1.09 -17.82
CA ILE C 118 14.31 -0.03 -18.03
C ILE C 118 14.30 -0.40 -19.51
N ALA C 119 14.31 0.58 -20.39
CA ALA C 119 14.10 0.32 -21.81
C ALA C 119 15.42 0.01 -22.54
N LYS C 120 16.58 0.43 -22.03
CA LYS C 120 17.82 0.07 -22.71
C LYS C 120 18.85 -0.41 -21.67
C1 A1A1O D . 11.82 -11.44 -7.45
C2 A1A1O D . 10.69 -12.45 -9.19
C3 A1A1O D . 9.91 -13.26 -9.99
N1 A1A1O D . 10.95 -12.47 -7.77
C4 A1A1O D . 9.83 -13.03 -11.37
C5 A1A1O D . 8.88 -13.95 -12.13
C6 A1A1O D . 9.62 -15.03 -12.89
C7 A1A1O D . 8.69 -15.83 -13.83
N2 A1A1O D . 7.79 -14.97 -14.61
C8 A1A1O D . 6.96 -14.13 -13.75
C13 A1A1O D . 12.18 -10.64 -8.68
C9 A1A1O D . 7.90 -13.19 -13.00
C11 A1A1O D . 11.33 -11.14 -11.14
C10 A1A1O D . 10.54 -11.98 -11.93
C12 A1A1O D . 11.41 -11.39 -9.76
C17 A1A1O D . 14.13 -9.39 -9.82
C18 A1A1O D . 13.70 -10.52 -8.87
O A1A1O D . 12.41 -11.86 -4.11
C16 A1A1O D . 13.44 -8.05 -9.60
C15 A1A1O D . 11.93 -8.16 -9.51
C14 A1A1O D . 11.56 -9.21 -8.46
CL A1A1O D . 10.71 -13.70 -2.65
C21 A1A1O D . 10.38 -13.93 -4.36
C20 A1A1O D . 10.89 -13.09 -5.39
C A1A1O D . 11.87 -12.02 -5.19
C22 A1A1O D . 9.54 -14.95 -4.67
C23 A1A1O D . 9.11 -15.15 -6.00
C24 A1A1O D . 9.58 -14.35 -7.01
C19 A1A1O D . 10.45 -13.30 -6.74
N A1A1O D . 12.28 -11.19 -6.21
ZN ZN E . -3.21 -35.16 2.08
C ACT F . -5.66 -35.23 2.17
O ACT F . -5.04 -35.80 1.28
OXT ACT F . -5.08 -34.72 3.11
CH3 ACT F . -7.22 -35.27 2.14
C1 A1A1O G . -3.93 6.92 23.83
C2 A1A1O G . -3.85 4.66 24.22
C3 A1A1O G . -4.01 3.28 24.15
N1 A1A1O G . -4.45 5.72 23.43
C4 A1A1O G . -3.27 2.46 25.00
C5 A1A1O G . -3.53 0.97 24.80
C6 A1A1O G . -4.34 0.35 25.93
C7 A1A1O G . -4.54 -1.13 25.67
N2 A1A1O G . -3.28 -1.86 25.52
C8 A1A1O G . -2.48 -1.31 24.42
C13 A1A1O G . -2.95 6.76 24.96
C9 A1A1O G . -2.22 0.19 24.60
C11 A1A1O G . -2.21 4.43 25.97
C10 A1A1O G . -2.38 3.04 25.90
C12 A1A1O G . -2.98 5.23 25.13
C17 A1A1O G . -2.25 7.63 27.28
C18 A1A1O G . -3.34 7.60 26.20
O A1A1O G . -5.61 9.24 21.97
C16 A1A1O G . -0.92 8.11 26.75
C15 A1A1O G . -0.47 7.26 25.58
C14 A1A1O G . -1.54 7.20 24.48
CL A1A1O G . -7.24 8.28 19.75
C21 A1A1O G . -6.79 6.88 20.69
C20 A1A1O G . -5.79 6.91 21.73
C A1A1O G . -5.24 8.13 22.33
C22 A1A1O G . -7.29 5.67 20.28
C23 A1A1O G . -6.89 4.47 20.91
C24 A1A1O G . -5.97 4.47 21.93
C19 A1A1O G . -5.39 5.67 22.35
N A1A1O G . -4.28 8.09 23.31
ZN ZN H . -12.60 18.97 19.15
C ACT I . -15.02 19.37 18.37
O ACT I . -14.31 18.56 17.74
OXT ACT I . -14.64 19.93 19.38
CH3 ACT I . -16.42 19.73 17.81
C1 A1A1O J . -3.17 20.28 -8.61
C2 A1A1O J . -4.34 18.70 -7.42
C3 A1A1O J . -4.86 17.52 -6.89
N1 A1A1O J . -3.52 18.96 -8.57
C4 A1A1O J . -5.64 17.54 -5.74
C5 A1A1O J . -6.19 16.20 -5.24
C6 A1A1O J . -7.62 15.99 -5.74
C7 A1A1O J . -8.22 14.69 -5.22
N2 A1A1O J . -8.13 14.61 -3.77
C8 A1A1O J . -6.73 14.67 -3.31
C13 A1A1O J . -3.80 21.02 -7.46
C9 A1A1O J . -6.09 15.98 -3.74
C11 A1A1O J . -5.30 19.93 -5.56
C10 A1A1O J . -5.89 18.76 -5.11
C12 A1A1O J . -4.53 19.90 -6.74
C17 A1A1O J . -5.29 23.07 -6.96
C18 A1A1O J . -4.76 22.10 -8.02
O A1A1O J . -1.50 20.65 -11.57
C16 A1A1O J . -4.14 23.70 -6.19
C15 A1A1O J . -3.22 22.67 -5.58
C14 A1A1O J . -2.68 21.71 -6.64
CL A1A1O J . -0.79 18.23 -13.02
C21 A1A1O J . -1.88 17.74 -11.74
C20 A1A1O J . -2.33 18.62 -10.70
C A1A1O J . -2.07 20.08 -10.66
C22 A1A1O J . -2.25 16.44 -11.74
C23 A1A1O J . -3.04 15.90 -10.71
C24 A1A1O J . -3.48 16.72 -9.67
C19 A1A1O J . -3.10 18.08 -9.64
N A1A1O J . -2.46 20.84 -9.59
ZN ZN K . 1.67 25.35 -22.53
ZN ZN L . 12.54 26.63 -4.56
#